data_6SDQ
#
_entry.id   6SDQ
#
_cell.length_a   57.919
_cell.length_b   57.919
_cell.length_c   398.079
_cell.angle_alpha   90.000
_cell.angle_beta   90.000
_cell.angle_gamma   120.000
#
_symmetry.space_group_name_H-M   'P 61 2 2'
#
loop_
_entity.id
_entity.type
_entity.pdbx_description
1 polymer 'Farnesyl diphosphate synthase'
2 non-polymer 'SULFATE ION'
3 non-polymer 'ZINC ION'
4 non-polymer 2-methoxy-5-nitro-phenol
5 water water
#
_entity_poly.entity_id   1
_entity_poly.type   'polypeptide(L)'
_entity_poly.pdbx_seq_one_letter_code
;MASMERFLSVYDEVQAFLLDQLQSKYEIDPNRARYLRIMMDTTCLGGKYFRGMTVVNVAEGFLAVTQHDEATKERILHDA
CVGGWMIEFLQAHYLVEDDIMDGSVMRRGKPCWYRFPGVTTQCAINDGIILKSWTQIMAWHYFADRPFLKDLLCLFQKVD
YATAVGQMYDVTSMCDSNKLDPEVAQPMTTDFAEFTPAIYKRIVKYKTTFYTYLLPLVMGLLVSEAAASVEMNLVERVAH
LIGEYFQVQDDVMDCFTPPEQLGKVGTDIEDAKCSWLAVTFLGKANAAQVAEFKANYGEKDPAKVAVVKRLYSKANLQAD
FAAYEAEVVREVESLIEQLKVKSPTFAESVAVVWEKTHKRKK
;
_entity_poly.pdbx_strand_id   A
#
loop_
_chem_comp.id
_chem_comp.type
_chem_comp.name
_chem_comp.formula
L8Q non-polymer 2-methoxy-5-nitro-phenol 'C7 H7 N O4'
SO4 non-polymer 'SULFATE ION' 'O4 S -2'
ZN non-polymer 'ZINC ION' 'Zn 2'
#
# COMPACT_ATOMS: atom_id res chain seq x y z
N MET A 1 25.94 -8.95 -5.45
CA MET A 1 24.75 -9.10 -6.35
C MET A 1 23.84 -7.90 -6.17
N ALA A 2 23.47 -7.26 -7.28
CA ALA A 2 22.59 -6.10 -7.19
C ALA A 2 21.28 -6.50 -6.52
N SER A 3 20.72 -5.55 -5.79
CA SER A 3 19.58 -5.85 -4.92
C SER A 3 18.36 -6.28 -5.72
N MET A 4 18.07 -5.59 -6.81
CA MET A 4 16.84 -5.88 -7.55
C MET A 4 16.92 -7.25 -8.20
N GLU A 5 18.08 -7.59 -8.77
CA GLU A 5 18.23 -8.91 -9.38
C GLU A 5 18.10 -10.00 -8.34
N ARG A 6 18.63 -9.76 -7.14
CA ARG A 6 18.47 -10.76 -6.11
C ARG A 6 16.99 -10.92 -5.80
N PHE A 7 16.29 -9.79 -5.64
CA PHE A 7 14.87 -9.82 -5.29
C PHE A 7 14.06 -10.55 -6.33
N LEU A 8 14.31 -10.28 -7.63
CA LEU A 8 13.58 -10.98 -8.69
C LEU A 8 13.92 -12.47 -8.76
N SER A 9 15.19 -12.83 -8.52
N SER A 9 15.18 -12.83 -8.51
CA SER A 9 15.58 -14.23 -8.47
CA SER A 9 15.57 -14.23 -8.48
C SER A 9 14.81 -14.96 -7.38
C SER A 9 14.84 -14.98 -7.37
N VAL A 10 14.65 -14.32 -6.22
CA VAL A 10 13.93 -14.97 -5.13
C VAL A 10 12.48 -15.16 -5.50
N TYR A 11 11.88 -14.21 -6.24
CA TYR A 11 10.51 -14.44 -6.73
C TYR A 11 10.43 -15.79 -7.45
N ASP A 12 11.34 -16.04 -8.40
CA ASP A 12 11.26 -17.28 -9.15
C ASP A 12 11.39 -18.48 -8.22
N GLU A 13 12.26 -18.38 -7.22
CA GLU A 13 12.44 -19.46 -6.26
C GLU A 13 11.17 -19.70 -5.46
N VAL A 14 10.57 -18.63 -4.95
CA VAL A 14 9.36 -18.74 -4.16
C VAL A 14 8.22 -19.31 -5.00
N GLN A 15 8.06 -18.80 -6.22
CA GLN A 15 7.05 -19.35 -7.11
C GLN A 15 7.24 -20.84 -7.31
N ALA A 16 8.47 -21.28 -7.61
CA ALA A 16 8.72 -22.69 -7.84
C ALA A 16 8.41 -23.51 -6.59
N PHE A 17 8.79 -23.00 -5.41
CA PHE A 17 8.48 -23.71 -4.17
C PHE A 17 6.97 -23.86 -3.99
N LEU A 18 6.23 -22.78 -4.18
CA LEU A 18 4.79 -22.80 -3.94
C LEU A 18 4.10 -23.78 -4.88
N LEU A 19 4.47 -23.73 -6.16
CA LEU A 19 3.82 -24.58 -7.17
C LEU A 19 4.26 -26.03 -7.02
N ASP A 20 5.52 -26.28 -6.67
N ASP A 20 5.52 -26.28 -6.66
CA ASP A 20 5.93 -27.67 -6.43
CA ASP A 20 5.98 -27.63 -6.43
C ASP A 20 5.20 -28.24 -5.23
C ASP A 20 5.29 -28.24 -5.20
N GLN A 21 5.03 -27.43 -4.18
CA GLN A 21 4.32 -27.91 -2.99
C GLN A 21 2.86 -28.21 -3.32
N LEU A 22 2.23 -27.39 -4.19
CA LEU A 22 0.87 -27.69 -4.59
C LEU A 22 0.79 -29.04 -5.28
N GLN A 23 1.81 -29.39 -6.06
CA GLN A 23 1.82 -30.68 -6.74
C GLN A 23 2.08 -31.81 -5.77
N SER A 24 3.02 -31.63 -4.85
CA SER A 24 3.48 -32.74 -4.03
C SER A 24 2.61 -32.96 -2.79
N LYS A 25 1.91 -31.92 -2.31
CA LYS A 25 1.11 -32.05 -1.11
C LYS A 25 -0.36 -31.69 -1.24
N TYR A 26 -0.77 -30.99 -2.31
CA TYR A 26 -2.16 -30.55 -2.46
C TYR A 26 -2.83 -31.15 -3.69
N GLU A 27 -2.20 -32.14 -4.30
CA GLU A 27 -2.78 -32.92 -5.38
C GLU A 27 -3.15 -32.06 -6.60
N ILE A 28 -2.45 -30.97 -6.84
CA ILE A 28 -2.82 -30.12 -7.98
C ILE A 28 -2.36 -30.78 -9.27
N ASP A 29 -3.13 -30.52 -10.34
CA ASP A 29 -2.87 -30.94 -11.70
C ASP A 29 -2.15 -29.85 -12.47
N PRO A 30 -1.50 -30.19 -13.59
CA PRO A 30 -0.62 -29.19 -14.25
C PRO A 30 -1.37 -27.99 -14.79
N ASN A 31 -2.61 -28.16 -15.25
CA ASN A 31 -3.31 -27.02 -15.82
C ASN A 31 -3.71 -26.01 -14.75
N ARG A 32 -4.14 -26.48 -13.58
CA ARG A 32 -4.43 -25.54 -12.51
C ARG A 32 -3.16 -24.92 -11.95
N ALA A 33 -2.05 -25.68 -11.95
CA ALA A 33 -0.76 -25.10 -11.56
C ALA A 33 -0.39 -23.96 -12.51
N ARG A 34 -0.65 -24.16 -13.80
CA ARG A 34 -0.39 -23.12 -14.77
C ARG A 34 -1.28 -21.89 -14.55
N TYR A 35 -2.57 -22.10 -14.30
CA TYR A 35 -3.44 -20.98 -14.00
C TYR A 35 -2.89 -20.18 -12.83
N LEU A 36 -2.49 -20.87 -11.76
CA LEU A 36 -2.04 -20.17 -10.55
C LEU A 36 -0.72 -19.49 -10.79
N ARG A 37 0.13 -20.06 -11.65
CA ARG A 37 1.39 -19.41 -12.02
C ARG A 37 1.12 -18.10 -12.73
N ILE A 38 0.19 -18.13 -13.69
CA ILE A 38 -0.17 -16.92 -14.42
C ILE A 38 -0.83 -15.91 -13.49
N MET A 39 -1.70 -16.38 -12.59
CA MET A 39 -2.33 -15.47 -11.63
C MET A 39 -1.29 -14.78 -10.76
N MET A 40 -0.32 -15.55 -10.28
CA MET A 40 0.73 -14.99 -9.43
C MET A 40 1.51 -13.92 -10.20
N ASP A 41 1.96 -14.26 -11.40
CA ASP A 41 2.72 -13.30 -12.21
C ASP A 41 1.90 -12.03 -12.47
N THR A 42 0.62 -12.20 -12.84
CA THR A 42 -0.17 -11.06 -13.28
C THR A 42 -0.50 -10.13 -12.10
N THR A 43 -0.65 -10.69 -10.92
CA THR A 43 -1.07 -9.91 -9.77
C THR A 43 0.10 -9.41 -8.92
N CYS A 44 1.25 -10.08 -8.98
CA CYS A 44 2.38 -9.74 -8.11
C CYS A 44 3.51 -8.99 -8.80
N LEU A 45 3.65 -9.12 -10.11
CA LEU A 45 4.72 -8.51 -10.88
C LEU A 45 4.20 -7.29 -11.64
N GLY A 46 5.12 -6.38 -11.96
CA GLY A 46 4.80 -5.28 -12.85
C GLY A 46 4.75 -3.93 -12.18
N GLY A 47 4.70 -3.89 -10.85
CA GLY A 47 4.87 -2.66 -10.11
C GLY A 47 6.32 -2.30 -9.94
N LYS A 48 6.57 -1.35 -9.04
CA LYS A 48 7.93 -0.87 -8.79
C LYS A 48 8.62 -1.61 -7.64
N TYR A 49 7.88 -2.43 -6.90
CA TYR A 49 8.41 -3.21 -5.79
C TYR A 49 8.97 -2.32 -4.70
N PHE A 50 8.42 -1.11 -4.54
CA PHE A 50 8.93 -0.20 -3.52
C PHE A 50 8.88 -0.85 -2.13
N ARG A 51 7.77 -1.51 -1.80
CA ARG A 51 7.58 -2.09 -0.48
C ARG A 51 8.56 -3.22 -0.23
N GLY A 52 8.62 -4.19 -1.13
CA GLY A 52 9.49 -5.32 -0.91
C GLY A 52 10.96 -4.90 -0.88
N MET A 53 11.33 -3.99 -1.76
CA MET A 53 12.73 -3.58 -1.84
C MET A 53 13.13 -2.77 -0.63
N THR A 54 12.18 -2.12 0.05
CA THR A 54 12.54 -1.43 1.28
C THR A 54 13.06 -2.42 2.33
N VAL A 55 12.45 -3.61 2.43
CA VAL A 55 12.95 -4.61 3.35
C VAL A 55 14.40 -4.93 3.05
N VAL A 56 14.70 -5.17 1.77
CA VAL A 56 16.05 -5.49 1.32
C VAL A 56 16.99 -4.34 1.63
N ASN A 57 16.58 -3.10 1.35
CA ASN A 57 17.48 -1.97 1.55
C ASN A 57 17.76 -1.72 3.03
N VAL A 58 16.76 -1.88 3.89
CA VAL A 58 17.00 -1.76 5.32
C VAL A 58 18.01 -2.81 5.78
N ALA A 59 17.84 -4.04 5.30
CA ALA A 59 18.76 -5.11 5.70
C ALA A 59 20.17 -4.82 5.18
N GLU A 60 20.28 -4.30 3.94
CA GLU A 60 21.58 -3.96 3.39
C GLU A 60 22.27 -2.90 4.24
N GLY A 61 21.51 -1.92 4.74
CA GLY A 61 22.10 -0.90 5.57
C GLY A 61 22.79 -1.49 6.78
N PHE A 62 22.13 -2.43 7.45
CA PHE A 62 22.72 -3.04 8.64
C PHE A 62 23.89 -3.95 8.28
N LEU A 63 23.82 -4.64 7.14
CA LEU A 63 24.95 -5.49 6.75
C LEU A 63 26.23 -4.70 6.63
N ALA A 64 26.12 -3.45 6.17
CA ALA A 64 27.27 -2.62 5.96
C ALA A 64 27.99 -2.27 7.25
N VAL A 65 27.34 -2.37 8.41
CA VAL A 65 27.97 -1.95 9.66
C VAL A 65 28.04 -3.07 10.70
N THR A 66 27.69 -4.29 10.33
CA THR A 66 27.61 -5.39 11.29
C THR A 66 28.50 -6.53 10.84
N GLN A 67 29.21 -7.14 11.80
CA GLN A 67 30.10 -8.27 11.50
C GLN A 67 29.30 -9.54 11.28
N HIS A 68 29.53 -10.22 10.15
CA HIS A 68 28.81 -11.42 9.81
C HIS A 68 29.69 -12.29 8.91
N ASP A 69 29.58 -13.60 9.06
CA ASP A 69 30.10 -14.49 8.04
C ASP A 69 29.38 -14.22 6.72
N GLU A 70 30.08 -14.50 5.61
CA GLU A 70 29.44 -14.33 4.30
C GLU A 70 28.14 -15.12 4.19
N ALA A 71 28.14 -16.36 4.67
CA ALA A 71 26.92 -17.15 4.57
C ALA A 71 25.78 -16.54 5.35
N THR A 72 26.10 -15.83 6.44
CA THR A 72 25.09 -15.13 7.21
C THR A 72 24.57 -13.93 6.44
N LYS A 73 25.46 -13.17 5.81
CA LYS A 73 25.02 -12.08 4.94
C LYS A 73 24.02 -12.58 3.89
N GLU A 74 24.35 -13.68 3.23
CA GLU A 74 23.47 -14.23 2.20
C GLU A 74 22.15 -14.68 2.79
N ARG A 75 22.18 -15.29 3.97
CA ARG A 75 20.92 -15.70 4.59
C ARG A 75 20.04 -14.49 4.93
N ILE A 76 20.64 -13.43 5.47
CA ILE A 76 19.88 -12.24 5.84
C ILE A 76 19.25 -11.61 4.59
N LEU A 77 20.03 -11.48 3.52
CA LEU A 77 19.48 -10.90 2.31
C LEU A 77 18.39 -11.77 1.71
N HIS A 78 18.58 -13.10 1.74
CA HIS A 78 17.52 -13.98 1.25
C HIS A 78 16.25 -13.82 2.08
N ASP A 79 16.39 -13.78 3.39
CA ASP A 79 15.23 -13.56 4.25
C ASP A 79 14.58 -12.23 3.93
N ALA A 80 15.39 -11.17 3.70
CA ALA A 80 14.79 -9.88 3.39
C ALA A 80 14.01 -9.93 2.10
N CYS A 81 14.51 -10.68 1.11
CA CYS A 81 13.77 -10.84 -0.14
C CYS A 81 12.48 -11.62 0.05
N VAL A 82 12.51 -12.72 0.80
CA VAL A 82 11.28 -13.47 1.05
C VAL A 82 10.27 -12.61 1.82
N GLY A 83 10.74 -11.90 2.84
CA GLY A 83 9.85 -11.01 3.57
C GLY A 83 9.29 -9.90 2.69
N GLY A 84 10.13 -9.33 1.84
CA GLY A 84 9.65 -8.36 0.88
C GLY A 84 8.57 -8.94 -0.03
N TRP A 85 8.77 -10.16 -0.53
CA TRP A 85 7.71 -10.79 -1.34
C TRP A 85 6.46 -11.07 -0.52
N MET A 86 6.59 -11.38 0.78
CA MET A 86 5.38 -11.47 1.60
C MET A 86 4.57 -10.18 1.51
N ILE A 87 5.24 -9.02 1.58
CA ILE A 87 4.50 -7.77 1.53
C ILE A 87 3.91 -7.55 0.14
N GLU A 88 4.68 -7.85 -0.92
CA GLU A 88 4.19 -7.68 -2.28
C GLU A 88 2.98 -8.58 -2.54
N PHE A 89 2.99 -9.80 -2.02
CA PHE A 89 1.85 -10.69 -2.20
C PHE A 89 0.65 -10.22 -1.41
N LEU A 90 0.88 -9.64 -0.22
CA LEU A 90 -0.19 -9.03 0.56
C LEU A 90 -0.81 -7.89 -0.21
N GLN A 91 0.01 -6.99 -0.78
CA GLN A 91 -0.53 -5.95 -1.62
C GLN A 91 -1.33 -6.54 -2.78
N ALA A 92 -0.80 -7.58 -3.41
CA ALA A 92 -1.48 -8.19 -4.56
C ALA A 92 -2.86 -8.68 -4.17
N HIS A 93 -2.98 -9.30 -2.99
CA HIS A 93 -4.28 -9.67 -2.43
C HIS A 93 -5.22 -8.45 -2.33
N TYR A 94 -4.75 -7.35 -1.74
CA TYR A 94 -5.61 -6.20 -1.57
C TYR A 94 -5.98 -5.58 -2.91
N LEU A 95 -5.07 -5.57 -3.89
CA LEU A 95 -5.42 -4.92 -5.16
C LEU A 95 -6.45 -5.76 -5.92
N VAL A 96 -6.32 -7.08 -5.88
CA VAL A 96 -7.30 -7.97 -6.53
C VAL A 96 -8.68 -7.75 -5.92
N GLU A 97 -8.77 -7.80 -4.59
CA GLU A 97 -10.06 -7.66 -3.92
C GLU A 97 -10.62 -6.23 -4.06
N ASP A 98 -9.75 -5.22 -3.94
N ASP A 98 -9.76 -5.22 -3.95
CA ASP A 98 -10.20 -3.83 -4.02
CA ASP A 98 -10.25 -3.86 -4.03
C ASP A 98 -10.72 -3.49 -5.41
C ASP A 98 -10.75 -3.52 -5.43
N ASP A 99 -10.08 -4.02 -6.45
CA ASP A 99 -10.52 -3.76 -7.82
C ASP A 99 -11.91 -4.36 -8.05
N ILE A 100 -12.16 -5.54 -7.46
CA ILE A 100 -13.50 -6.15 -7.52
C ILE A 100 -14.50 -5.31 -6.73
N MET A 101 -14.15 -4.96 -5.49
CA MET A 101 -15.02 -4.16 -4.64
C MET A 101 -15.44 -2.85 -5.31
N ASP A 102 -14.50 -2.21 -6.00
CA ASP A 102 -14.70 -0.89 -6.57
C ASP A 102 -15.15 -0.92 -8.01
N GLY A 103 -15.26 -2.08 -8.63
CA GLY A 103 -15.61 -2.14 -10.04
C GLY A 103 -14.57 -1.50 -10.95
N SER A 104 -13.30 -1.54 -10.55
CA SER A 104 -12.26 -0.89 -11.33
C SER A 104 -12.04 -1.59 -12.66
N VAL A 105 -11.55 -0.83 -13.64
CA VAL A 105 -11.40 -1.32 -15.01
C VAL A 105 -9.96 -1.71 -15.31
N MET A 106 -9.01 -0.86 -14.96
CA MET A 106 -7.61 -1.04 -15.28
C MET A 106 -6.75 -0.93 -14.03
N ARG A 107 -5.58 -1.54 -14.11
CA ARG A 107 -4.59 -1.54 -13.04
C ARG A 107 -3.24 -1.74 -13.72
N ARG A 108 -2.35 -0.75 -13.59
CA ARG A 108 -0.98 -0.86 -14.13
C ARG A 108 -0.99 -1.10 -15.64
N GLY A 109 -1.91 -0.44 -16.34
CA GLY A 109 -1.99 -0.50 -17.78
C GLY A 109 -2.71 -1.70 -18.36
N LYS A 110 -3.12 -2.65 -17.54
CA LYS A 110 -3.79 -3.86 -17.99
C LYS A 110 -5.15 -3.96 -17.33
N PRO A 111 -6.05 -4.79 -17.85
CA PRO A 111 -7.31 -5.04 -17.14
C PRO A 111 -7.06 -5.55 -15.75
N CYS A 112 -7.92 -5.14 -14.82
CA CYS A 112 -7.93 -5.76 -13.50
C CYS A 112 -8.12 -7.27 -13.66
N TRP A 113 -7.51 -8.01 -12.75
CA TRP A 113 -7.48 -9.47 -12.83
C TRP A 113 -8.88 -10.06 -13.03
N TYR A 114 -9.86 -9.59 -12.26
CA TYR A 114 -11.20 -10.20 -12.34
C TYR A 114 -11.83 -10.03 -13.72
N ARG A 115 -11.35 -9.07 -14.51
N ARG A 115 -11.34 -9.09 -14.52
CA ARG A 115 -11.86 -8.83 -15.85
CA ARG A 115 -11.87 -8.82 -15.86
C ARG A 115 -11.28 -9.73 -16.91
C ARG A 115 -11.14 -9.58 -16.96
N PHE A 116 -10.20 -10.46 -16.62
CA PHE A 116 -9.64 -11.38 -17.62
C PHE A 116 -10.75 -12.36 -18.01
N PRO A 117 -10.87 -12.69 -19.29
CA PRO A 117 -12.06 -13.45 -19.72
C PRO A 117 -12.20 -14.80 -19.04
N GLY A 118 -11.08 -15.47 -18.78
CA GLY A 118 -11.06 -16.78 -18.14
C GLY A 118 -10.92 -16.75 -16.63
N VAL A 119 -11.09 -15.59 -16.00
CA VAL A 119 -10.97 -15.47 -14.56
C VAL A 119 -12.37 -15.32 -13.99
N THR A 120 -12.96 -14.13 -14.14
CA THR A 120 -14.28 -13.74 -13.65
C THR A 120 -14.23 -13.51 -12.13
N THR A 121 -15.24 -12.79 -11.62
CA THR A 121 -15.25 -12.45 -10.21
C THR A 121 -15.30 -13.71 -9.35
N GLN A 122 -16.05 -14.71 -9.81
CA GLN A 122 -16.18 -15.95 -9.04
C GLN A 122 -14.83 -16.56 -8.73
N CYS A 123 -13.92 -16.59 -9.71
CA CYS A 123 -12.57 -17.10 -9.46
C CYS A 123 -11.69 -16.05 -8.79
N ALA A 124 -11.82 -14.78 -9.19
CA ALA A 124 -10.86 -13.78 -8.73
C ALA A 124 -10.93 -13.53 -7.23
N ILE A 125 -12.13 -13.58 -6.61
CA ILE A 125 -12.20 -13.38 -5.16
C ILE A 125 -11.35 -14.44 -4.48
N ASN A 126 -11.51 -15.69 -4.91
CA ASN A 126 -10.74 -16.80 -4.34
C ASN A 126 -9.25 -16.69 -4.68
N ASP A 127 -8.91 -16.24 -5.90
CA ASP A 127 -7.50 -16.02 -6.23
C ASP A 127 -6.86 -15.06 -5.24
N GLY A 128 -7.58 -13.99 -4.88
CA GLY A 128 -7.08 -13.05 -3.90
C GLY A 128 -6.88 -13.69 -2.54
N ILE A 129 -7.77 -14.60 -2.17
CA ILE A 129 -7.59 -15.34 -0.93
C ILE A 129 -6.33 -16.18 -0.97
N ILE A 130 -6.07 -16.84 -2.11
CA ILE A 130 -4.86 -17.66 -2.24
C ILE A 130 -3.62 -16.80 -2.10
N LEU A 131 -3.64 -15.62 -2.71
CA LEU A 131 -2.49 -14.72 -2.59
C LEU A 131 -2.15 -14.44 -1.13
N LYS A 132 -3.16 -14.15 -0.32
CA LYS A 132 -2.94 -13.91 1.09
C LYS A 132 -2.43 -15.18 1.78
N SER A 133 -3.03 -16.33 1.46
CA SER A 133 -2.55 -17.57 2.07
C SER A 133 -1.07 -17.81 1.74
N TRP A 134 -0.68 -17.51 0.51
CA TRP A 134 0.72 -17.72 0.12
C TRP A 134 1.69 -16.92 0.99
N THR A 135 1.29 -15.73 1.47
CA THR A 135 2.18 -14.98 2.37
C THR A 135 2.57 -15.81 3.57
N GLN A 136 1.60 -16.56 4.11
CA GLN A 136 1.89 -17.40 5.27
C GLN A 136 2.64 -18.66 4.92
N ILE A 137 2.26 -19.31 3.81
CA ILE A 137 2.97 -20.49 3.38
C ILE A 137 4.46 -20.21 3.22
N MET A 138 4.81 -19.09 2.57
CA MET A 138 6.24 -18.80 2.40
C MET A 138 6.91 -18.47 3.73
N ALA A 139 6.22 -17.83 4.66
CA ALA A 139 6.84 -17.52 5.96
C ALA A 139 7.16 -18.79 6.72
N TRP A 140 6.21 -19.70 6.82
CA TRP A 140 6.43 -20.94 7.57
C TRP A 140 7.53 -21.77 6.93
N HIS A 141 7.61 -21.78 5.61
CA HIS A 141 8.63 -22.58 4.95
C HIS A 141 10.01 -21.97 5.17
N TYR A 142 10.17 -20.69 4.82
CA TYR A 142 11.51 -20.13 4.79
C TYR A 142 11.98 -19.69 6.17
N PHE A 143 11.08 -19.37 7.08
CA PHE A 143 11.46 -18.79 8.37
C PHE A 143 11.22 -19.75 9.53
N ALA A 144 10.97 -21.04 9.24
CA ALA A 144 10.58 -22.01 10.24
C ALA A 144 11.50 -21.99 11.46
N ASP A 145 12.79 -21.91 11.24
CA ASP A 145 13.74 -22.01 12.34
C ASP A 145 14.20 -20.65 12.85
N ARG A 146 13.57 -19.54 12.39
CA ARG A 146 14.19 -18.25 12.65
C ARG A 146 13.73 -17.67 13.98
N PRO A 147 14.63 -16.97 14.68
CA PRO A 147 14.24 -16.38 15.96
C PRO A 147 13.17 -15.33 15.82
N PHE A 148 13.10 -14.66 14.68
CA PHE A 148 12.14 -13.59 14.46
C PHE A 148 10.78 -14.06 13.95
N LEU A 149 10.55 -15.37 13.81
CA LEU A 149 9.31 -15.84 13.17
C LEU A 149 8.08 -15.33 13.91
N LYS A 150 8.03 -15.54 15.22
CA LYS A 150 6.87 -15.13 16.00
C LYS A 150 6.59 -13.63 15.86
N ASP A 151 7.61 -12.80 16.08
CA ASP A 151 7.40 -11.36 15.97
C ASP A 151 6.95 -10.98 14.57
N LEU A 152 7.56 -11.59 13.56
CA LEU A 152 7.22 -11.26 12.17
C LEU A 152 5.77 -11.62 11.85
N LEU A 153 5.32 -12.80 12.24
CA LEU A 153 3.95 -13.22 11.92
C LEU A 153 2.95 -12.36 12.69
N CYS A 154 3.27 -12.01 13.94
CA CYS A 154 2.37 -11.19 14.74
C CYS A 154 2.25 -9.79 14.15
N LEU A 155 3.38 -9.19 13.77
CA LEU A 155 3.38 -7.90 13.09
C LEU A 155 2.59 -7.96 11.80
N PHE A 156 2.85 -8.98 10.98
CA PHE A 156 2.22 -9.11 9.67
C PHE A 156 0.71 -9.17 9.79
N GLN A 157 0.19 -9.97 10.70
N GLN A 157 0.21 -9.93 10.74
CA GLN A 157 -1.26 -10.09 10.82
CA GLN A 157 -1.23 -10.13 10.86
C GLN A 157 -1.86 -8.79 11.33
C GLN A 157 -1.91 -8.91 11.46
N LYS A 158 -1.21 -8.15 12.32
CA LYS A 158 -1.77 -6.90 12.84
C LYS A 158 -1.80 -5.84 11.73
N VAL A 159 -0.78 -5.83 10.87
CA VAL A 159 -0.80 -4.87 9.77
C VAL A 159 -1.89 -5.20 8.76
N ASP A 160 -2.07 -6.50 8.45
CA ASP A 160 -3.13 -6.91 7.56
C ASP A 160 -4.49 -6.48 8.10
N TYR A 161 -4.71 -6.70 9.40
CA TYR A 161 -5.95 -6.31 10.03
C TYR A 161 -6.15 -4.80 9.97
N ALA A 162 -5.12 -4.03 10.29
CA ALA A 162 -5.21 -2.56 10.20
C ALA A 162 -5.62 -2.16 8.78
N THR A 163 -5.05 -2.83 7.79
CA THR A 163 -5.35 -2.50 6.40
C THR A 163 -6.81 -2.77 6.06
N ALA A 164 -7.37 -3.89 6.54
CA ALA A 164 -8.75 -4.20 6.26
C ALA A 164 -9.67 -3.20 6.97
N VAL A 165 -9.30 -2.79 8.19
CA VAL A 165 -10.05 -1.76 8.91
C VAL A 165 -10.00 -0.46 8.12
N GLY A 166 -8.82 -0.11 7.60
CA GLY A 166 -8.70 1.10 6.79
C GLY A 166 -9.53 1.06 5.52
N GLN A 167 -9.64 -0.11 4.91
N GLN A 167 -9.64 -0.11 4.90
CA GLN A 167 -10.50 -0.27 3.75
CA GLN A 167 -10.50 -0.24 3.73
C GLN A 167 -11.96 -0.02 4.10
C GLN A 167 -11.95 0.03 4.12
N MET A 168 -12.38 -0.42 5.30
CA MET A 168 -13.71 -0.08 5.78
C MET A 168 -13.85 1.42 5.96
N TYR A 169 -12.86 2.06 6.59
CA TYR A 169 -12.90 3.52 6.72
C TYR A 169 -13.01 4.19 5.35
N ASP A 170 -12.32 3.66 4.35
CA ASP A 170 -12.29 4.27 3.01
C ASP A 170 -13.61 4.11 2.30
N VAL A 171 -14.17 2.89 2.29
CA VAL A 171 -15.36 2.61 1.49
C VAL A 171 -16.60 3.26 2.11
N THR A 172 -16.54 3.61 3.41
CA THR A 172 -17.65 4.26 4.09
C THR A 172 -17.44 5.77 4.29
N SER A 173 -16.43 6.35 3.67
CA SER A 173 -16.05 7.72 3.98
C SER A 173 -17.00 8.76 3.40
N MET A 174 -17.88 8.37 2.49
CA MET A 174 -18.85 9.29 1.89
C MET A 174 -20.23 9.16 2.48
N CYS A 175 -20.40 8.36 3.53
CA CYS A 175 -21.65 8.18 4.24
C CYS A 175 -21.57 8.86 5.60
N ASP A 176 -22.72 9.27 6.13
CA ASP A 176 -22.75 9.83 7.47
C ASP A 176 -22.63 8.70 8.51
N SER A 177 -21.66 8.82 9.41
CA SER A 177 -21.43 7.72 10.35
C SER A 177 -22.69 7.35 11.12
N ASN A 178 -23.51 8.33 11.48
CA ASN A 178 -24.67 8.05 12.32
C ASN A 178 -25.75 7.28 11.58
N LYS A 179 -25.65 7.18 10.26
CA LYS A 179 -26.64 6.46 9.46
C LYS A 179 -26.15 5.09 8.99
N LEU A 180 -24.93 4.69 9.32
CA LEU A 180 -24.45 3.36 8.98
C LEU A 180 -25.37 2.32 9.58
N ASP A 181 -25.75 1.32 8.80
CA ASP A 181 -26.77 0.37 9.24
C ASP A 181 -26.87 -0.72 8.20
N PRO A 182 -26.50 -1.95 8.51
CA PRO A 182 -26.58 -3.02 7.50
C PRO A 182 -27.97 -3.19 6.88
N GLU A 183 -29.02 -2.77 7.61
CA GLU A 183 -30.40 -2.94 7.17
C GLU A 183 -30.88 -1.90 6.19
N VAL A 184 -30.15 -0.80 6.00
CA VAL A 184 -30.65 0.36 5.26
C VAL A 184 -29.63 0.80 4.21
N ALA A 185 -30.09 0.88 2.96
CA ALA A 185 -29.18 1.30 1.91
C ALA A 185 -28.60 2.67 2.22
N GLN A 186 -27.31 2.83 1.97
CA GLN A 186 -26.53 3.95 2.50
C GLN A 186 -26.56 5.14 1.54
N PRO A 187 -27.16 6.27 1.92
CA PRO A 187 -27.08 7.48 1.10
C PRO A 187 -25.73 8.18 1.27
N MET A 188 -25.31 8.84 0.20
CA MET A 188 -24.17 9.74 0.31
C MET A 188 -24.48 10.91 1.24
N THR A 189 -23.46 11.35 1.97
CA THR A 189 -23.56 12.54 2.79
C THR A 189 -24.03 13.71 1.95
N THR A 190 -24.87 14.56 2.55
CA THR A 190 -25.17 15.84 1.92
C THR A 190 -24.44 16.99 2.58
N ASP A 191 -24.04 16.88 3.85
CA ASP A 191 -23.36 18.01 4.50
C ASP A 191 -21.84 17.94 4.42
N PHE A 192 -21.26 16.77 4.13
CA PHE A 192 -19.81 16.61 4.03
C PHE A 192 -19.10 17.01 5.31
N ALA A 193 -19.81 16.93 6.44
CA ALA A 193 -19.21 17.32 7.71
C ALA A 193 -18.05 16.41 8.09
N GLU A 194 -18.06 15.17 7.63
CA GLU A 194 -16.99 14.26 7.97
C GLU A 194 -15.84 14.30 6.99
N PHE A 195 -15.80 15.29 6.09
CA PHE A 195 -14.64 15.50 5.23
C PHE A 195 -13.72 16.49 5.95
N THR A 196 -13.00 15.99 6.93
CA THR A 196 -12.09 16.80 7.74
C THR A 196 -10.68 16.25 7.64
N PRO A 197 -9.68 17.05 8.00
CA PRO A 197 -8.31 16.53 7.99
C PRO A 197 -8.14 15.35 8.94
N ALA A 198 -8.70 15.42 10.14
CA ALA A 198 -8.50 14.32 11.09
C ALA A 198 -9.12 13.03 10.58
N ILE A 199 -10.31 13.12 9.98
CA ILE A 199 -10.96 11.90 9.49
C ILE A 199 -10.22 11.35 8.27
N TYR A 200 -9.81 12.23 7.37
CA TYR A 200 -8.96 11.83 6.26
C TYR A 200 -7.71 11.12 6.75
N LYS A 201 -7.03 11.72 7.75
CA LYS A 201 -5.81 11.14 8.26
C LYS A 201 -6.05 9.73 8.79
N ARG A 202 -7.20 9.49 9.44
CA ARG A 202 -7.49 8.13 9.91
C ARG A 202 -7.62 7.14 8.76
N ILE A 203 -8.31 7.52 7.68
CA ILE A 203 -8.47 6.62 6.54
C ILE A 203 -7.09 6.21 6.03
N VAL A 204 -6.24 7.20 5.77
CA VAL A 204 -4.97 6.95 5.12
C VAL A 204 -4.04 6.15 6.01
N LYS A 205 -4.00 6.50 7.29
CA LYS A 205 -3.16 5.80 8.25
C LYS A 205 -3.42 4.31 8.18
N TYR A 206 -4.70 3.92 8.23
CA TYR A 206 -5.02 2.49 8.26
C TYR A 206 -5.02 1.86 6.88
N LYS A 207 -5.54 2.54 5.86
CA LYS A 207 -5.68 1.83 4.59
C LYS A 207 -4.37 1.67 3.83
N THR A 208 -3.35 2.51 4.06
N THR A 208 -3.37 2.54 4.08
CA THR A 208 -2.10 2.30 3.32
CA THR A 208 -2.14 2.53 3.32
C THR A 208 -0.82 2.51 4.11
C THR A 208 -0.88 2.42 4.19
N THR A 209 -0.77 3.27 5.21
CA THR A 209 0.56 3.51 5.78
C THR A 209 1.10 2.30 6.53
N PHE A 210 0.24 1.49 7.15
CA PHE A 210 0.74 0.33 7.90
C PHE A 210 1.42 -0.66 6.96
N TYR A 211 0.78 -0.98 5.83
CA TYR A 211 1.36 -2.02 4.95
C TYR A 211 2.38 -1.44 3.97
N THR A 212 2.35 -0.14 3.70
CA THR A 212 3.25 0.42 2.69
C THR A 212 4.56 0.90 3.32
N TYR A 213 4.53 1.44 4.54
CA TYR A 213 5.74 1.96 5.18
C TYR A 213 6.09 1.27 6.49
N LEU A 214 5.15 1.08 7.41
CA LEU A 214 5.54 0.50 8.68
C LEU A 214 6.00 -0.95 8.51
N LEU A 215 5.24 -1.75 7.77
CA LEU A 215 5.57 -3.17 7.63
C LEU A 215 6.91 -3.37 6.95
N PRO A 216 7.24 -2.72 5.83
CA PRO A 216 8.59 -2.96 5.27
C PRO A 216 9.72 -2.49 6.16
N LEU A 217 9.55 -1.36 6.84
CA LEU A 217 10.61 -0.87 7.73
C LEU A 217 10.86 -1.85 8.88
N VAL A 218 9.80 -2.28 9.54
CA VAL A 218 9.96 -3.17 10.69
C VAL A 218 10.37 -4.57 10.27
N MET A 219 9.85 -5.06 9.15
CA MET A 219 10.33 -6.35 8.65
C MET A 219 11.82 -6.29 8.37
N GLY A 220 12.31 -5.18 7.82
CA GLY A 220 13.74 -5.06 7.62
C GLY A 220 14.51 -5.13 8.91
N LEU A 221 14.00 -4.49 9.95
CA LEU A 221 14.60 -4.60 11.27
C LEU A 221 14.55 -6.03 11.79
N LEU A 222 13.42 -6.72 11.62
CA LEU A 222 13.32 -8.06 12.19
C LEU A 222 14.27 -9.06 11.51
N VAL A 223 14.37 -9.03 10.18
CA VAL A 223 15.24 -10.03 9.56
C VAL A 223 16.71 -9.73 9.84
N SER A 224 17.03 -8.50 10.24
CA SER A 224 18.35 -8.07 10.65
C SER A 224 18.61 -8.25 12.15
N GLU A 225 17.60 -8.71 12.90
N GLU A 225 17.61 -8.73 12.91
CA GLU A 225 17.67 -8.81 14.36
CA GLU A 225 17.71 -8.82 14.37
C GLU A 225 18.20 -7.50 14.94
C GLU A 225 18.20 -7.49 14.96
N ALA A 226 17.58 -6.41 14.50
CA ALA A 226 18.00 -5.05 14.84
C ALA A 226 16.89 -4.23 15.46
N ALA A 227 15.75 -4.83 15.83
CA ALA A 227 14.63 -3.99 16.26
C ALA A 227 14.92 -3.34 17.61
N ALA A 228 15.71 -3.98 18.46
CA ALA A 228 16.15 -3.32 19.69
C ALA A 228 17.11 -2.18 19.42
N SER A 229 17.56 -2.02 18.19
CA SER A 229 18.49 -0.97 17.80
C SER A 229 17.82 0.40 17.67
N VAL A 230 16.49 0.46 17.62
CA VAL A 230 15.76 1.67 17.26
C VAL A 230 14.66 1.96 18.28
N GLU A 231 14.17 3.19 18.23
CA GLU A 231 13.03 3.65 19.03
C GLU A 231 11.76 3.38 18.22
N MET A 232 11.02 2.32 18.59
CA MET A 232 9.90 1.93 17.73
C MET A 232 8.85 3.03 17.61
N ASN A 233 8.66 3.88 18.64
CA ASN A 233 7.69 4.95 18.52
C ASN A 233 8.06 5.92 17.39
N LEU A 234 9.37 6.15 17.17
CA LEU A 234 9.79 7.02 16.08
C LEU A 234 9.58 6.35 14.72
N VAL A 235 9.80 5.03 14.64
CA VAL A 235 9.54 4.32 13.41
C VAL A 235 8.07 4.45 13.03
N GLU A 236 7.17 4.24 13.99
CA GLU A 236 5.75 4.41 13.72
C GLU A 236 5.45 5.83 13.24
N ARG A 237 5.98 6.83 13.94
CA ARG A 237 5.63 8.21 13.61
C ARG A 237 6.11 8.56 12.21
N VAL A 238 7.33 8.12 11.85
CA VAL A 238 7.84 8.52 10.54
C VAL A 238 7.14 7.71 9.43
N ALA A 239 6.78 6.46 9.72
CA ALA A 239 6.03 5.67 8.74
C ALA A 239 4.67 6.31 8.47
N HIS A 240 3.98 6.74 9.52
CA HIS A 240 2.65 7.32 9.31
C HIS A 240 2.75 8.66 8.58
N LEU A 241 3.80 9.44 8.85
CA LEU A 241 3.99 10.71 8.17
C LEU A 241 4.31 10.55 6.69
N ILE A 242 5.29 9.72 6.36
CA ILE A 242 5.64 9.51 4.96
C ILE A 242 4.48 8.83 4.22
N GLY A 243 3.83 7.87 4.87
CA GLY A 243 2.71 7.19 4.22
C GLY A 243 1.57 8.12 3.88
N GLU A 244 1.30 9.10 4.75
CA GLU A 244 0.25 10.07 4.45
C GLU A 244 0.62 10.91 3.22
N TYR A 245 1.88 11.36 3.14
CA TYR A 245 2.31 12.14 1.99
C TYR A 245 2.19 11.32 0.71
N PHE A 246 2.55 10.03 0.78
CA PHE A 246 2.40 9.14 -0.37
C PHE A 246 0.95 9.09 -0.85
N GLN A 247 0.00 8.98 0.07
CA GLN A 247 -1.41 8.92 -0.31
C GLN A 247 -1.93 10.25 -0.84
N VAL A 248 -1.50 11.38 -0.26
CA VAL A 248 -1.92 12.67 -0.77
C VAL A 248 -1.49 12.82 -2.24
N GLN A 249 -0.26 12.45 -2.54
CA GLN A 249 0.22 12.41 -3.92
C GLN A 249 -0.68 11.56 -4.80
N ASP A 250 -1.00 10.34 -4.33
CA ASP A 250 -1.88 9.47 -5.11
C ASP A 250 -3.24 10.14 -5.33
N ASP A 251 -3.77 10.81 -4.31
CA ASP A 251 -5.06 11.47 -4.46
C ASP A 251 -5.01 12.57 -5.49
N VAL A 252 -3.95 13.38 -5.47
CA VAL A 252 -3.83 14.46 -6.44
C VAL A 252 -3.73 13.88 -7.84
N MET A 253 -2.97 12.79 -7.99
CA MET A 253 -2.78 12.17 -9.31
C MET A 253 -4.05 11.53 -9.82
N ASP A 254 -4.89 10.99 -8.94
CA ASP A 254 -6.15 10.40 -9.36
C ASP A 254 -6.98 11.38 -10.17
N CYS A 255 -6.91 12.65 -9.80
CA CYS A 255 -7.71 13.70 -10.44
C CYS A 255 -7.00 14.30 -11.64
N PHE A 256 -5.68 14.50 -11.56
CA PHE A 256 -5.00 15.38 -12.51
C PHE A 256 -3.96 14.70 -13.39
N THR A 257 -3.55 13.47 -13.09
CA THR A 257 -2.55 12.81 -13.94
C THR A 257 -3.23 12.11 -15.11
N PRO A 258 -2.79 12.33 -16.35
CA PRO A 258 -3.45 11.69 -17.50
C PRO A 258 -3.54 10.19 -17.31
N PRO A 259 -4.64 9.56 -17.74
CA PRO A 259 -4.79 8.12 -17.46
C PRO A 259 -3.70 7.26 -18.08
N GLU A 260 -3.16 7.64 -19.25
CA GLU A 260 -2.07 6.85 -19.82
C GLU A 260 -0.88 6.80 -18.88
N GLN A 261 -0.53 7.91 -18.24
CA GLN A 261 0.56 7.94 -17.28
C GLN A 261 0.17 7.30 -15.96
N LEU A 262 -1.10 7.44 -15.57
CA LEU A 262 -1.55 6.89 -14.29
C LEU A 262 -1.77 5.38 -14.35
N GLY A 263 -2.17 4.85 -15.51
CA GLY A 263 -2.43 3.44 -15.63
C GLY A 263 -3.88 3.04 -15.39
N LYS A 264 -4.74 4.01 -15.07
CA LYS A 264 -6.17 3.79 -14.90
C LYS A 264 -6.87 5.12 -15.09
N VAL A 265 -8.19 5.08 -15.18
CA VAL A 265 -9.01 6.28 -15.10
C VAL A 265 -9.33 6.49 -13.62
N GLY A 266 -8.99 7.67 -13.10
CA GLY A 266 -9.35 7.98 -11.73
C GLY A 266 -10.82 8.28 -11.61
N THR A 267 -11.44 7.74 -10.55
CA THR A 267 -12.87 7.91 -10.31
C THR A 267 -13.18 8.40 -8.89
N ASP A 268 -12.21 8.99 -8.18
CA ASP A 268 -12.45 9.41 -6.81
C ASP A 268 -13.61 10.40 -6.71
N ILE A 269 -13.74 11.32 -7.67
CA ILE A 269 -14.83 12.29 -7.63
C ILE A 269 -16.17 11.58 -7.80
N GLU A 270 -16.27 10.74 -8.84
CA GLU A 270 -17.49 10.00 -9.09
C GLU A 270 -17.87 9.11 -7.91
N ASP A 271 -16.85 8.51 -7.28
CA ASP A 271 -17.06 7.62 -6.14
C ASP A 271 -17.27 8.36 -4.84
N ALA A 272 -17.19 9.69 -4.85
CA ALA A 272 -17.41 10.54 -3.68
C ALA A 272 -16.39 10.28 -2.58
N LYS A 273 -15.17 9.94 -2.96
CA LYS A 273 -14.16 9.59 -1.97
C LYS A 273 -13.79 10.80 -1.12
N CYS A 274 -13.47 10.52 0.15
CA CYS A 274 -12.87 11.52 1.03
C CYS A 274 -11.38 11.63 0.67
N SER A 275 -11.09 12.42 -0.35
CA SER A 275 -9.75 12.62 -0.88
C SER A 275 -9.12 13.86 -0.26
N TRP A 276 -7.80 13.95 -0.36
CA TRP A 276 -7.13 15.16 0.10
C TRP A 276 -7.66 16.39 -0.64
N LEU A 277 -7.94 16.24 -1.93
CA LEU A 277 -8.43 17.39 -2.69
C LEU A 277 -9.77 17.87 -2.15
N ALA A 278 -10.68 16.95 -1.88
CA ALA A 278 -12.01 17.37 -1.43
C ALA A 278 -11.95 18.00 -0.04
N VAL A 279 -11.19 17.39 0.87
CA VAL A 279 -11.06 17.93 2.21
C VAL A 279 -10.42 19.32 2.16
N THR A 280 -9.33 19.46 1.39
CA THR A 280 -8.62 20.74 1.32
C THR A 280 -9.47 21.79 0.62
N PHE A 281 -10.18 21.42 -0.45
CA PHE A 281 -11.11 22.36 -1.07
C PHE A 281 -12.15 22.86 -0.06
N LEU A 282 -12.75 21.94 0.69
CA LEU A 282 -13.76 22.35 1.66
C LEU A 282 -13.14 23.15 2.79
N GLY A 283 -11.82 23.05 2.98
CA GLY A 283 -11.12 23.83 3.99
C GLY A 283 -10.86 25.27 3.61
N LYS A 284 -11.12 25.64 2.36
CA LYS A 284 -10.84 27.01 1.94
C LYS A 284 -11.94 27.63 1.09
N ALA A 285 -12.98 26.89 0.76
CA ALA A 285 -14.01 27.38 -0.14
C ALA A 285 -14.94 28.37 0.55
N ASN A 286 -15.52 29.28 -0.24
CA ASN A 286 -16.59 30.14 0.24
C ASN A 286 -17.92 29.41 0.11
N ALA A 287 -19.00 30.05 0.59
CA ALA A 287 -20.29 29.37 0.64
C ALA A 287 -20.78 28.97 -0.74
N ALA A 288 -20.59 29.85 -1.74
CA ALA A 288 -21.07 29.53 -3.07
C ALA A 288 -20.34 28.33 -3.65
N GLN A 289 -19.02 28.30 -3.42
CA GLN A 289 -18.20 27.19 -3.89
C GLN A 289 -18.61 25.88 -3.22
N VAL A 290 -18.84 25.92 -1.90
CA VAL A 290 -19.28 24.71 -1.20
C VAL A 290 -20.59 24.21 -1.81
N ALA A 291 -21.51 25.13 -2.07
CA ALA A 291 -22.80 24.72 -2.61
C ALA A 291 -22.63 24.08 -3.98
N GLU A 292 -21.75 24.65 -4.82
CA GLU A 292 -21.56 24.08 -6.14
C GLU A 292 -20.90 22.70 -6.05
N PHE A 293 -19.93 22.55 -5.14
CA PHE A 293 -19.34 21.25 -4.89
C PHE A 293 -20.39 20.22 -4.51
N LYS A 294 -21.26 20.57 -3.56
CA LYS A 294 -22.29 19.62 -3.14
C LYS A 294 -23.20 19.23 -4.29
N ALA A 295 -23.47 20.16 -5.22
CA ALA A 295 -24.35 19.89 -6.34
C ALA A 295 -23.74 18.98 -7.39
N ASN A 296 -22.42 18.76 -7.36
CA ASN A 296 -21.78 18.01 -8.42
C ASN A 296 -20.96 16.83 -7.96
N TYR A 297 -20.59 16.74 -6.69
CA TYR A 297 -19.69 15.69 -6.26
C TYR A 297 -20.41 14.35 -6.16
N GLY A 298 -19.67 13.28 -6.48
CA GLY A 298 -20.16 11.94 -6.25
C GLY A 298 -21.14 11.44 -7.30
N GLU A 299 -21.03 11.94 -8.53
CA GLU A 299 -21.90 11.56 -9.63
C GLU A 299 -21.07 11.14 -10.84
N LYS A 300 -21.51 10.06 -11.50
CA LYS A 300 -20.81 9.58 -12.68
C LYS A 300 -20.92 10.55 -13.86
N ASP A 301 -21.96 11.37 -13.89
CA ASP A 301 -22.16 12.35 -14.95
C ASP A 301 -20.88 13.12 -15.22
N PRO A 302 -20.24 12.93 -16.39
CA PRO A 302 -18.96 13.62 -16.65
C PRO A 302 -19.06 15.13 -16.62
N ALA A 303 -20.23 15.70 -16.88
CA ALA A 303 -20.38 17.14 -16.78
C ALA A 303 -20.17 17.60 -15.35
N LYS A 304 -20.68 16.84 -14.39
CA LYS A 304 -20.54 17.20 -12.99
C LYS A 304 -19.11 16.96 -12.51
N VAL A 305 -18.49 15.86 -12.94
CA VAL A 305 -17.09 15.64 -12.65
C VAL A 305 -16.25 16.81 -13.15
N ALA A 306 -16.62 17.35 -14.32
CA ALA A 306 -15.89 18.47 -14.88
C ALA A 306 -16.06 19.74 -14.05
N VAL A 307 -17.25 19.94 -13.48
CA VAL A 307 -17.43 21.09 -12.61
C VAL A 307 -16.51 20.97 -11.40
N VAL A 308 -16.42 19.77 -10.82
CA VAL A 308 -15.60 19.58 -9.64
C VAL A 308 -14.13 19.83 -9.95
N LYS A 309 -13.64 19.28 -11.06
CA LYS A 309 -12.24 19.51 -11.42
C LYS A 309 -11.94 20.99 -11.65
N ARG A 310 -12.91 21.73 -12.19
CA ARG A 310 -12.72 23.17 -12.35
C ARG A 310 -12.71 23.88 -11.00
N LEU A 311 -13.65 23.51 -10.11
CA LEU A 311 -13.64 24.08 -8.77
C LEU A 311 -12.28 23.88 -8.13
N TYR A 312 -11.71 22.67 -8.26
CA TYR A 312 -10.40 22.40 -7.68
C TYR A 312 -9.33 23.30 -8.28
N SER A 313 -9.33 23.43 -9.62
CA SER A 313 -8.33 24.27 -10.29
C SER A 313 -8.45 25.72 -9.86
N LYS A 314 -9.67 26.25 -9.89
CA LYS A 314 -9.88 27.64 -9.50
C LYS A 314 -9.50 27.90 -8.04
N ALA A 315 -9.51 26.85 -7.21
CA ALA A 315 -9.23 27.01 -5.78
C ALA A 315 -7.74 27.03 -5.47
N ASN A 316 -6.88 26.87 -6.46
CA ASN A 316 -5.43 26.96 -6.24
C ASN A 316 -4.98 25.98 -5.16
N LEU A 317 -5.39 24.73 -5.31
CA LEU A 317 -4.95 23.71 -4.38
C LEU A 317 -3.49 23.38 -4.53
N GLN A 318 -2.89 23.73 -5.68
CA GLN A 318 -1.44 23.63 -5.84
C GLN A 318 -0.72 24.30 -4.68
N ALA A 319 -1.22 25.44 -4.23
CA ALA A 319 -0.54 26.17 -3.16
C ALA A 319 -0.72 25.46 -1.83
N ASP A 320 -1.90 24.89 -1.58
CA ASP A 320 -2.07 24.09 -0.37
C ASP A 320 -1.16 22.86 -0.40
N PHE A 321 -1.02 22.23 -1.56
CA PHE A 321 -0.12 21.07 -1.63
C PHE A 321 1.31 21.48 -1.30
N ALA A 322 1.76 22.61 -1.84
CA ALA A 322 3.12 23.05 -1.57
C ALA A 322 3.34 23.30 -0.09
N ALA A 323 2.36 23.91 0.58
CA ALA A 323 2.47 24.16 2.01
C ALA A 323 2.46 22.86 2.80
N TYR A 324 1.59 21.91 2.40
CA TYR A 324 1.59 20.60 3.02
C TYR A 324 2.94 19.92 2.86
N GLU A 325 3.48 19.94 1.65
CA GLU A 325 4.76 19.30 1.36
C GLU A 325 5.87 19.89 2.21
N ALA A 326 5.89 21.22 2.34
CA ALA A 326 6.96 21.87 3.09
C ALA A 326 6.89 21.49 4.57
N GLU A 327 5.69 21.35 5.10
CA GLU A 327 5.55 20.93 6.49
C GLU A 327 5.98 19.47 6.67
N VAL A 328 5.59 18.59 5.75
CA VAL A 328 6.05 17.20 5.83
C VAL A 328 7.58 17.13 5.81
N VAL A 329 8.21 17.90 4.92
CA VAL A 329 9.68 17.93 4.87
C VAL A 329 10.27 18.29 6.25
N ARG A 330 9.73 19.34 6.88
CA ARG A 330 10.20 19.72 8.22
C ARG A 330 10.08 18.55 9.18
N GLU A 331 8.92 17.91 9.17
CA GLU A 331 8.64 16.91 10.18
C GLU A 331 9.42 15.65 9.90
N VAL A 332 9.54 15.25 8.63
CA VAL A 332 10.29 14.03 8.37
C VAL A 332 11.77 14.22 8.66
N GLU A 333 12.34 15.38 8.29
CA GLU A 333 13.74 15.65 8.64
C GLU A 333 13.94 15.62 10.16
N SER A 334 12.96 16.15 10.91
CA SER A 334 13.06 16.12 12.36
C SER A 334 13.08 14.69 12.89
N LEU A 335 12.19 13.83 12.38
CA LEU A 335 12.13 12.45 12.84
C LEU A 335 13.39 11.69 12.45
N ILE A 336 13.93 11.97 11.27
CA ILE A 336 15.19 11.33 10.87
C ILE A 336 16.32 11.73 11.82
N GLU A 337 16.37 13.01 12.19
CA GLU A 337 17.37 13.45 13.17
C GLU A 337 17.22 12.68 14.48
N GLN A 338 15.97 12.50 14.94
CA GLN A 338 15.75 11.78 16.18
C GLN A 338 16.17 10.31 16.04
N LEU A 339 15.95 9.72 14.87
CA LEU A 339 16.34 8.31 14.66
C LEU A 339 17.86 8.13 14.73
N LYS A 340 18.62 9.18 14.40
CA LYS A 340 20.08 9.09 14.47
C LYS A 340 20.59 8.87 15.88
N VAL A 341 19.81 9.20 16.89
CA VAL A 341 20.30 9.09 18.27
C VAL A 341 20.67 7.65 18.58
N LYS A 342 19.79 6.72 18.25
CA LYS A 342 20.03 5.30 18.48
C LYS A 342 20.58 4.56 17.27
N SER A 343 20.27 4.96 16.03
CA SER A 343 20.79 4.25 14.86
C SER A 343 20.93 5.16 13.67
N PRO A 344 22.12 5.73 13.46
CA PRO A 344 22.37 6.47 12.22
C PRO A 344 22.16 5.64 10.98
N THR A 345 22.47 4.34 11.03
CA THR A 345 22.28 3.49 9.88
C THR A 345 20.81 3.40 9.49
N PHE A 346 19.95 3.13 10.46
CA PHE A 346 18.52 3.07 10.13
C PHE A 346 17.98 4.42 9.69
N ALA A 347 18.46 5.50 10.32
CA ALA A 347 18.02 6.83 9.92
C ALA A 347 18.32 7.09 8.46
N GLU A 348 19.48 6.64 7.99
CA GLU A 348 19.84 6.82 6.59
C GLU A 348 18.92 5.99 5.70
N SER A 349 18.56 4.78 6.12
CA SER A 349 17.62 4.00 5.34
C SER A 349 16.29 4.72 5.20
N VAL A 350 15.83 5.34 6.29
CA VAL A 350 14.59 6.11 6.23
C VAL A 350 14.76 7.34 5.34
N ALA A 351 15.90 8.00 5.42
CA ALA A 351 16.15 9.14 4.52
C ALA A 351 16.00 8.71 3.06
N VAL A 352 16.51 7.52 2.73
CA VAL A 352 16.41 7.03 1.37
C VAL A 352 14.96 6.78 0.99
N VAL A 353 14.20 6.15 1.87
CA VAL A 353 12.78 5.94 1.62
C VAL A 353 12.08 7.27 1.36
N TRP A 354 12.38 8.29 2.16
CA TRP A 354 11.74 9.59 1.98
C TRP A 354 12.12 10.20 0.63
N GLU A 355 13.42 10.19 0.28
CA GLU A 355 13.84 10.75 -1.00
C GLU A 355 13.09 10.09 -2.16
N LYS A 356 13.03 8.75 -2.17
CA LYS A 356 12.33 8.03 -3.22
C LYS A 356 10.84 8.44 -3.26
N THR A 357 10.21 8.52 -2.10
CA THR A 357 8.80 8.91 -2.05
C THR A 357 8.61 10.34 -2.53
N HIS A 358 9.44 11.26 -2.04
CA HIS A 358 9.32 12.68 -2.34
C HIS A 358 9.54 12.97 -3.81
N LYS A 359 10.51 12.29 -4.42
CA LYS A 359 10.87 12.53 -5.81
C LYS A 359 10.03 11.70 -6.78
N ARG A 360 9.15 10.85 -6.29
CA ARG A 360 8.26 10.07 -7.15
C ARG A 360 7.53 10.98 -8.13
N LYS A 361 7.58 10.63 -9.40
CA LYS A 361 7.03 11.47 -10.46
C LYS A 361 5.60 11.85 -10.17
S SO4 B . 4.33 -0.30 -6.39
O1 SO4 B . 3.45 -1.46 -6.20
O2 SO4 B . 4.47 -0.08 -7.83
O3 SO4 B . 5.66 -0.56 -5.78
O4 SO4 B . 3.75 0.87 -5.75
ZN ZN C . -10.88 0.85 -3.00
ZN ZN D . -6.17 6.60 -5.28
C1 L8Q E . 8.80 2.93 0.02
C1 L8Q E . 10.30 3.28 -0.70
O1 L8Q E . 7.00 5.80 -3.53
O1 L8Q E . 5.73 4.29 -2.15
C2 L8Q E . 7.50 3.25 -0.37
C2 L8Q E . 10.40 4.08 -1.83
O2 L8Q E . 9.12 5.95 -3.83
O2 L8Q E . 6.92 5.23 -3.67
C3 L8Q E . 7.28 4.10 -1.43
C3 L8Q E . 9.25 4.56 -2.44
O3 L8Q E . 11.16 3.01 -0.40
O3 L8Q E . 8.95 2.28 1.00
C4 L8Q E . 8.38 4.62 -2.10
C4 L8Q E . 8.02 4.22 -1.91
C5 L8Q E . 9.68 4.31 -1.74
C5 L8Q E . 7.90 3.47 -0.76
C6 L8Q E . 9.89 3.45 -0.69
C6 L8Q E . 9.05 2.99 -0.14
N L8Q E . 8.15 5.53 -3.23
N L8Q E . 6.81 4.61 -2.63
C L8Q E . 8.07 1.45 1.73
C L8Q E . 12.63 2.78 -0.69
O L8Q E . 9.13 2.12 1.05
O L8Q E . 11.35 2.64 -0.09
#